data_3IKW
#
_entry.id   3IKW
#
_cell.length_a   76.263
_cell.length_b   110.494
_cell.length_c   44.158
_cell.angle_alpha   90.000
_cell.angle_beta   90.000
_cell.angle_gamma   90.000
#
_symmetry.space_group_name_H-M   'P 21 21 2'
#
loop_
_entity.id
_entity.type
_entity.pdbx_description
1 polymer 'Heparin lyase I'
2 non-polymer 'CALCIUM ION'
3 non-polymer 1,2-ETHANEDIOL
4 water water
#
_entity_poly.entity_id   1
_entity_poly.type   'polypeptide(L)'
_entity_poly.pdbx_seq_one_letter_code
;TAQTKNTQTLMPLTERVNVQADSARINQIIDGCWVAVGTNKPHAIQRDFTNLFDGKPSYRFELKTEDNTLEGYAKGETKG
RAEFSYCYATSDDFRGLPADVYQKAQITKTVYHHGKGACPQGSSRDYEFSVYIPSSLDSNVSTIFAQWHGMPDRTLVQTP
QGEVKKLTVDEFVELEKTTFFKKNVGHEKVARLDKQGNPVKDKNGKPVYKAGKPNGWLVEQGGYPPLAFGFSGGLFYIKA
NSDRKWLTDKDDRCNANPGKTPVMKPLTSEYKASTIAYKLPFADFPKDCWITFRVHIDWTVYGKEAETIVKPGMLDVRMD
YQEQGKKVSKHIVDNEKILIGRNDEDGYYFKFGIYRVGDSTVPVCYNLAGYSER
;
_entity_poly.pdbx_strand_id   A
#
loop_
_chem_comp.id
_chem_comp.type
_chem_comp.name
_chem_comp.formula
CA non-polymer 'CALCIUM ION' 'Ca 2'
EDO non-polymer 1,2-ETHANEDIOL 'C2 H6 O2'
#
# COMPACT_ATOMS: atom_id res chain seq x y z
N THR A 1 19.09 -15.20 -30.02
CA THR A 1 18.03 -16.08 -29.47
C THR A 1 17.02 -16.47 -30.55
N ALA A 2 16.98 -17.76 -30.88
CA ALA A 2 16.17 -18.23 -32.00
C ALA A 2 14.94 -19.02 -31.58
N GLN A 3 14.88 -19.38 -30.30
CA GLN A 3 13.72 -20.12 -29.81
C GLN A 3 12.53 -19.19 -29.61
N THR A 4 11.44 -19.49 -30.30
CA THR A 4 10.22 -18.71 -30.15
C THR A 4 9.72 -18.85 -28.72
N LYS A 5 9.46 -17.73 -28.07
CA LYS A 5 9.04 -17.76 -26.67
C LYS A 5 7.71 -18.48 -26.47
N ASN A 6 7.65 -19.38 -25.49
CA ASN A 6 6.38 -19.95 -25.05
C ASN A 6 5.66 -18.89 -24.24
N THR A 7 4.47 -18.50 -24.71
CA THR A 7 3.67 -17.48 -24.05
C THR A 7 2.37 -18.05 -23.48
N GLN A 8 2.30 -19.39 -23.36
CA GLN A 8 1.15 -20.07 -22.77
C GLN A 8 1.20 -20.28 -21.26
N THR A 9 2.39 -20.22 -20.68
CA THR A 9 2.52 -20.54 -19.27
C THR A 9 2.30 -19.30 -18.38
N LEU A 10 2.49 -18.11 -18.95
CA LEU A 10 2.38 -16.83 -18.23
C LEU A 10 1.61 -15.83 -19.06
N MET A 11 0.70 -15.10 -18.40
CA MET A 11 -0.11 -14.10 -19.06
C MET A 11 0.07 -12.74 -18.38
N PRO A 12 0.74 -11.80 -19.06
CA PRO A 12 0.85 -10.46 -18.49
C PRO A 12 -0.49 -9.83 -18.18
N LEU A 13 -0.57 -9.17 -17.03
CA LEU A 13 -1.77 -8.42 -16.63
C LEU A 13 -1.31 -6.98 -16.44
N THR A 14 -1.52 -6.14 -17.44
CA THR A 14 -0.88 -4.84 -17.49
C THR A 14 -1.80 -3.64 -17.20
N GLU A 15 -3.07 -3.88 -16.93
CA GLU A 15 -3.96 -2.76 -16.60
C GLU A 15 -3.63 -2.26 -15.20
N ARG A 16 -3.61 -0.94 -15.02
CA ARG A 16 -3.31 -0.36 -13.72
C ARG A 16 -4.36 0.69 -13.39
N VAL A 17 -4.75 0.75 -12.12
CA VAL A 17 -5.77 1.69 -11.63
C VAL A 17 -5.15 2.50 -10.49
N ASN A 18 -5.23 3.82 -10.56
CA ASN A 18 -4.88 4.67 -9.43
C ASN A 18 -6.12 4.68 -8.55
N VAL A 19 -6.16 3.81 -7.56
CA VAL A 19 -7.43 3.57 -6.87
C VAL A 19 -7.93 4.74 -6.07
N GLN A 20 -7.02 5.63 -5.66
CA GLN A 20 -7.46 6.82 -4.92
C GLN A 20 -8.14 7.82 -5.84
N ALA A 21 -7.74 7.85 -7.10
CA ALA A 21 -8.14 8.91 -8.02
C ALA A 21 -9.06 8.50 -9.17
N ASP A 22 -9.27 7.20 -9.36
CA ASP A 22 -10.04 6.72 -10.51
C ASP A 22 -10.81 5.46 -10.17
N SER A 23 -12.00 5.34 -10.72
CA SER A 23 -12.73 4.08 -10.64
CA SER A 23 -12.75 4.08 -10.67
C SER A 23 -12.09 3.05 -11.57
N ALA A 24 -12.20 1.79 -11.18
CA ALA A 24 -11.74 0.69 -12.03
C ALA A 24 -12.82 0.33 -13.04
N ARG A 25 -12.42 0.18 -14.30
CA ARG A 25 -13.35 -0.30 -15.31
CA ARG A 25 -13.30 -0.32 -15.36
C ARG A 25 -13.44 -1.82 -15.21
N ILE A 26 -14.57 -2.38 -15.65
CA ILE A 26 -14.79 -3.83 -15.55
C ILE A 26 -13.63 -4.63 -16.15
N ASN A 27 -13.13 -4.15 -17.29
N ASN A 27 -13.11 -4.16 -17.28
CA ASN A 27 -12.07 -4.87 -18.01
CA ASN A 27 -12.06 -4.91 -17.97
C ASN A 27 -10.66 -4.64 -17.46
C ASN A 27 -10.69 -4.84 -17.33
N GLN A 28 -10.57 -4.04 -16.28
CA GLN A 28 -9.31 -3.89 -15.56
C GLN A 28 -9.28 -4.76 -14.30
N ILE A 29 -10.43 -5.26 -13.88
CA ILE A 29 -10.55 -6.03 -12.66
C ILE A 29 -10.10 -7.46 -12.93
N ILE A 30 -9.34 -8.01 -11.99
CA ILE A 30 -8.77 -9.36 -12.13
C ILE A 30 -9.48 -10.29 -11.20
N ASP A 31 -10.03 -11.36 -11.78
CA ASP A 31 -10.70 -12.39 -11.00
C ASP A 31 -11.88 -11.88 -10.19
N GLY A 32 -12.48 -10.80 -10.68
CA GLY A 32 -13.62 -10.22 -9.98
C GLY A 32 -13.34 -9.57 -8.64
N CYS A 33 -12.06 -9.44 -8.24
CA CYS A 33 -11.80 -8.93 -6.89
C CYS A 33 -10.52 -8.11 -6.71
N TRP A 34 -9.69 -7.98 -7.74
CA TRP A 34 -8.44 -7.24 -7.60
C TRP A 34 -8.32 -6.20 -8.68
N VAL A 35 -7.62 -5.12 -8.37
CA VAL A 35 -7.03 -4.29 -9.42
C VAL A 35 -5.54 -4.16 -9.18
N ALA A 36 -4.79 -3.88 -10.23
CA ALA A 36 -3.33 -3.78 -10.11
C ALA A 36 -2.87 -2.33 -10.02
N VAL A 37 -1.81 -2.10 -9.24
CA VAL A 37 -1.25 -0.78 -9.05
C VAL A 37 0.26 -0.89 -9.24
N GLY A 38 0.88 0.15 -9.77
CA GLY A 38 2.34 0.16 -9.93
C GLY A 38 2.77 0.03 -11.38
N THR A 39 4.02 -0.34 -11.61
CA THR A 39 4.57 -0.36 -12.97
C THR A 39 3.81 -1.33 -13.88
N ASN A 40 3.62 -0.94 -15.15
CA ASN A 40 2.85 -1.76 -16.08
C ASN A 40 3.68 -2.57 -17.08
N LYS A 41 4.96 -2.76 -16.80
CA LYS A 41 5.79 -3.65 -17.65
C LYS A 41 5.15 -5.03 -17.73
N PRO A 42 5.24 -5.68 -18.91
CA PRO A 42 4.55 -6.95 -19.04
C PRO A 42 4.96 -8.01 -18.01
N HIS A 43 6.23 -8.04 -17.64
CA HIS A 43 6.70 -9.03 -16.68
C HIS A 43 6.35 -8.71 -15.23
N ALA A 44 5.82 -7.52 -14.96
CA ALA A 44 5.66 -7.12 -13.56
C ALA A 44 4.65 -8.00 -12.82
N ILE A 45 3.51 -8.25 -13.47
CA ILE A 45 2.48 -9.10 -12.93
C ILE A 45 1.96 -10.02 -14.04
N GLN A 46 1.95 -11.33 -13.79
CA GLN A 46 1.48 -12.29 -14.78
C GLN A 46 0.69 -13.36 -14.10
N ARG A 47 -0.38 -13.79 -14.75
CA ARG A 47 -1.08 -14.97 -14.31
C ARG A 47 -0.23 -16.19 -14.70
N ASP A 48 -0.05 -17.12 -13.76
CA ASP A 48 0.89 -18.24 -13.90
C ASP A 48 0.11 -19.55 -13.97
N PHE A 49 0.14 -20.16 -15.16
CA PHE A 49 -0.64 -21.38 -15.43
C PHE A 49 0.12 -22.66 -15.09
N THR A 50 1.37 -22.50 -14.66
CA THR A 50 2.22 -23.64 -14.35
C THR A 50 2.27 -23.88 -12.87
N ASN A 51 2.47 -22.80 -12.11
CA ASN A 51 2.49 -22.91 -10.65
C ASN A 51 1.09 -22.69 -10.10
N LEU A 52 0.30 -23.75 -10.02
CA LEU A 52 -1.08 -23.63 -9.59
C LEU A 52 -1.17 -23.66 -8.06
N PHE A 53 -2.12 -22.89 -7.54
CA PHE A 53 -2.42 -22.93 -6.13
C PHE A 53 -3.85 -23.43 -6.01
N ASP A 54 -4.01 -24.51 -5.26
CA ASP A 54 -5.32 -25.11 -5.10
C ASP A 54 -5.92 -25.37 -6.49
N GLY A 55 -5.09 -25.87 -7.41
CA GLY A 55 -5.53 -26.21 -8.76
C GLY A 55 -5.81 -25.07 -9.73
N LYS A 56 -5.61 -23.83 -9.28
CA LYS A 56 -5.91 -22.67 -10.11
C LYS A 56 -4.65 -21.83 -10.35
N PRO A 57 -4.64 -21.03 -11.42
CA PRO A 57 -3.46 -20.18 -11.71
C PRO A 57 -3.12 -19.26 -10.54
N SER A 58 -1.84 -19.04 -10.31
CA SER A 58 -1.42 -18.10 -9.27
C SER A 58 -0.92 -16.83 -9.95
N TYR A 59 -0.43 -15.89 -9.15
CA TYR A 59 0.06 -14.61 -9.67
CA TYR A 59 0.10 -14.65 -9.72
C TYR A 59 1.58 -14.50 -9.46
N ARG A 60 2.31 -14.26 -10.54
CA ARG A 60 3.77 -14.13 -10.48
C ARG A 60 4.09 -12.65 -10.58
N PHE A 61 4.78 -12.15 -9.57
CA PHE A 61 5.21 -10.74 -9.54
C PHE A 61 6.70 -10.68 -9.76
N GLU A 62 7.16 -9.70 -10.56
CA GLU A 62 8.60 -9.56 -10.78
C GLU A 62 9.00 -8.13 -10.99
N LEU A 63 10.00 -7.69 -10.24
CA LEU A 63 10.70 -6.45 -10.57
C LEU A 63 12.14 -6.75 -10.90
N LYS A 64 12.58 -6.30 -12.07
CA LYS A 64 13.99 -6.42 -12.43
C LYS A 64 14.75 -5.26 -11.80
N THR A 65 16.07 -5.24 -11.96
CA THR A 65 16.90 -4.24 -11.30
CA THR A 65 16.89 -4.25 -11.27
C THR A 65 16.51 -2.83 -11.70
N GLU A 66 16.13 -2.67 -12.96
CA GLU A 66 15.80 -1.37 -13.52
C GLU A 66 14.38 -0.89 -13.26
N ASP A 67 13.58 -1.69 -12.54
CA ASP A 67 12.14 -1.45 -12.45
C ASP A 67 11.65 -0.55 -11.32
N ASN A 68 12.55 0.14 -10.63
CA ASN A 68 12.10 1.17 -9.68
C ASN A 68 11.59 2.37 -10.47
N THR A 69 10.30 2.69 -10.30
CA THR A 69 9.68 3.80 -11.02
C THR A 69 9.21 4.93 -10.10
N LEU A 70 9.42 4.76 -8.79
CA LEU A 70 8.90 5.72 -7.83
C LEU A 70 10.06 6.41 -7.11
N GLU A 71 9.85 7.67 -6.75
CA GLU A 71 10.85 8.40 -5.97
C GLU A 71 10.73 8.00 -4.51
N GLY A 72 11.86 7.79 -3.85
CA GLY A 72 11.88 7.47 -2.42
C GLY A 72 12.02 8.72 -1.57
N TYR A 73 12.30 8.54 -0.28
CA TYR A 73 12.27 9.68 0.64
C TYR A 73 13.39 10.68 0.39
N ALA A 74 14.63 10.20 0.47
CA ALA A 74 15.78 11.06 0.33
C ALA A 74 16.19 11.15 -1.14
N LYS A 75 16.75 12.29 -1.54
CA LYS A 75 17.11 12.52 -2.93
C LYS A 75 18.08 11.45 -3.39
N GLY A 76 17.78 10.82 -4.52
CA GLY A 76 18.62 9.74 -5.03
C GLY A 76 18.03 8.37 -4.77
N GLU A 77 17.02 8.31 -3.89
CA GLU A 77 16.38 7.05 -3.55
C GLU A 77 15.20 6.78 -4.49
N THR A 78 15.01 5.51 -4.86
CA THR A 78 13.87 5.13 -5.66
C THR A 78 13.18 3.95 -4.98
N LYS A 79 11.95 3.64 -5.40
CA LYS A 79 11.22 2.46 -4.93
C LYS A 79 10.51 1.85 -6.13
N GLY A 80 10.10 0.59 -6.00
CA GLY A 80 9.49 -0.09 -7.14
C GLY A 80 8.23 -0.71 -6.63
N ARG A 81 7.18 -0.76 -7.44
CA ARG A 81 5.92 -1.32 -6.98
C ARG A 81 5.18 -2.06 -8.08
N ALA A 82 4.70 -3.25 -7.75
CA ALA A 82 3.72 -3.96 -8.59
C ALA A 82 2.86 -4.75 -7.63
N GLU A 83 1.61 -4.35 -7.43
CA GLU A 83 0.76 -4.93 -6.40
C GLU A 83 -0.65 -5.13 -6.89
N PHE A 84 -1.39 -6.02 -6.24
CA PHE A 84 -2.85 -6.03 -6.35
C PHE A 84 -3.46 -5.36 -5.11
N SER A 85 -4.51 -4.56 -5.31
CA SER A 85 -5.30 -3.98 -4.23
C SER A 85 -6.66 -4.66 -4.17
N TYR A 86 -7.07 -5.01 -2.97
CA TYR A 86 -8.41 -5.59 -2.75
C TYR A 86 -9.46 -4.49 -2.61
N CYS A 87 -9.03 -3.23 -2.54
CA CYS A 87 -9.97 -2.12 -2.39
C CYS A 87 -9.88 -1.19 -3.59
N TYR A 88 -11.03 -0.94 -4.22
CA TYR A 88 -11.14 -0.03 -5.35
C TYR A 88 -12.62 0.23 -5.54
N ALA A 89 -12.96 1.33 -6.21
CA ALA A 89 -14.35 1.58 -6.59
C ALA A 89 -14.54 1.33 -8.05
N THR A 90 -15.78 1.06 -8.43
CA THR A 90 -16.17 0.94 -9.84
C THR A 90 -17.22 2.00 -10.10
N SER A 91 -17.59 2.17 -11.36
CA SER A 91 -18.66 3.09 -11.76
CA SER A 91 -18.62 3.16 -11.66
C SER A 91 -19.94 2.80 -11.00
N ASP A 92 -20.20 1.50 -10.82
N ASP A 92 -20.22 1.51 -10.84
CA ASP A 92 -21.41 1.05 -10.14
CA ASP A 92 -21.43 1.09 -10.14
C ASP A 92 -21.50 1.51 -8.68
C ASP A 92 -21.51 1.72 -8.75
N ASP A 93 -20.37 1.90 -8.11
CA ASP A 93 -20.36 2.43 -6.76
C ASP A 93 -20.84 3.87 -6.62
N PHE A 94 -20.96 4.57 -7.75
CA PHE A 94 -21.44 5.95 -7.73
C PHE A 94 -22.84 6.11 -8.29
N ARG A 95 -23.50 4.98 -8.53
CA ARG A 95 -24.89 4.99 -8.97
C ARG A 95 -25.76 5.76 -7.97
N GLY A 96 -26.65 6.59 -8.50
CA GLY A 96 -27.61 7.30 -7.67
C GLY A 96 -27.16 8.62 -7.11
N LEU A 97 -25.88 8.95 -7.28
CA LEU A 97 -25.31 10.19 -6.76
C LEU A 97 -25.32 11.30 -7.81
N PRO A 98 -25.28 12.56 -7.37
CA PRO A 98 -25.18 13.70 -8.29
C PRO A 98 -23.99 13.53 -9.25
N ALA A 99 -24.13 14.13 -10.43
CA ALA A 99 -23.16 14.00 -11.49
C ALA A 99 -21.75 14.38 -11.05
N ASP A 100 -21.62 15.35 -10.16
CA ASP A 100 -20.31 15.85 -9.80
C ASP A 100 -19.61 15.06 -8.68
N VAL A 101 -20.29 14.11 -8.05
CA VAL A 101 -19.70 13.41 -6.90
C VAL A 101 -18.42 12.66 -7.27
N TYR A 102 -18.47 11.88 -8.35
CA TYR A 102 -17.28 11.16 -8.77
C TYR A 102 -16.14 12.11 -9.11
N GLN A 103 -16.38 13.16 -9.90
N GLN A 103 -16.48 13.16 -9.87
CA GLN A 103 -15.25 14.03 -10.21
CA GLN A 103 -15.51 14.19 -10.23
C GLN A 103 -14.66 14.70 -8.98
C GLN A 103 -14.74 14.72 -9.03
N LYS A 104 -15.50 15.04 -7.99
CA LYS A 104 -14.94 15.63 -6.79
C LYS A 104 -14.18 14.60 -5.97
N ALA A 105 -14.59 13.32 -6.05
CA ALA A 105 -13.85 12.26 -5.36
C ALA A 105 -12.51 12.07 -6.02
N GLN A 106 -12.43 12.27 -7.34
CA GLN A 106 -11.14 12.19 -8.01
C GLN A 106 -10.21 13.28 -7.49
N ILE A 107 -10.72 14.50 -7.38
CA ILE A 107 -9.89 15.63 -6.98
C ILE A 107 -9.40 15.50 -5.53
N THR A 108 -10.29 14.99 -4.66
CA THR A 108 -9.93 14.79 -3.26
C THR A 108 -9.23 13.45 -3.00
N LYS A 109 -9.07 12.65 -4.06
CA LYS A 109 -8.44 11.32 -3.99
C LYS A 109 -9.14 10.40 -2.99
N THR A 110 -10.48 10.42 -3.04
CA THR A 110 -11.31 9.61 -2.17
C THR A 110 -12.15 8.62 -2.98
N VAL A 111 -11.70 8.28 -4.19
CA VAL A 111 -12.52 7.39 -5.01
C VAL A 111 -12.71 6.03 -4.33
N TYR A 112 -11.62 5.39 -3.91
CA TYR A 112 -11.76 4.04 -3.37
C TYR A 112 -12.50 3.98 -2.04
N HIS A 113 -12.68 5.11 -1.36
CA HIS A 113 -13.52 5.14 -0.15
C HIS A 113 -14.96 4.77 -0.45
N HIS A 114 -15.33 4.78 -1.72
CA HIS A 114 -16.69 4.44 -2.14
C HIS A 114 -16.80 2.97 -2.57
N GLY A 115 -15.69 2.25 -2.52
CA GLY A 115 -15.68 0.87 -3.00
C GLY A 115 -15.62 -0.23 -1.96
N LYS A 116 -15.60 -1.46 -2.45
CA LYS A 116 -15.51 -2.61 -1.57
C LYS A 116 -14.08 -2.82 -1.08
N GLY A 117 -13.93 -3.64 -0.04
CA GLY A 117 -12.62 -4.16 0.32
C GLY A 117 -11.91 -3.43 1.43
N ALA A 118 -12.57 -2.54 2.15
CA ALA A 118 -11.98 -1.88 3.30
C ALA A 118 -12.58 -2.36 4.61
N CYS A 119 -11.79 -2.30 5.67
CA CYS A 119 -12.38 -2.62 6.95
CA CYS A 119 -12.20 -2.70 7.02
C CYS A 119 -12.29 -1.41 7.87
N PRO A 120 -13.43 -1.15 8.54
CA PRO A 120 -13.57 0.09 9.31
C PRO A 120 -12.66 0.19 10.54
N GLN A 121 -12.44 1.43 10.96
CA GLN A 121 -11.70 1.73 12.20
C GLN A 121 -12.18 0.88 13.34
N GLY A 122 -11.24 0.36 14.13
CA GLY A 122 -11.56 -0.31 15.39
C GLY A 122 -12.21 -1.68 15.26
N SER A 123 -12.36 -2.16 14.04
CA SER A 123 -13.06 -3.43 13.80
C SER A 123 -12.08 -4.59 13.89
N SER A 124 -12.57 -5.81 13.69
CA SER A 124 -11.74 -7.01 13.68
C SER A 124 -11.92 -7.71 12.35
N ARG A 125 -10.84 -8.29 11.82
CA ARG A 125 -10.95 -9.01 10.59
C ARG A 125 -9.92 -10.14 10.52
N ASP A 126 -10.29 -11.20 9.83
CA ASP A 126 -9.40 -12.32 9.54
C ASP A 126 -9.03 -12.28 8.07
N TYR A 127 -7.75 -12.58 7.79
CA TYR A 127 -7.24 -12.52 6.43
C TYR A 127 -6.43 -13.79 6.20
N GLU A 128 -6.42 -14.26 4.96
N GLU A 128 -6.37 -14.25 4.97
CA GLU A 128 -5.62 -15.43 4.60
CA GLU A 128 -5.54 -15.41 4.66
C GLU A 128 -5.02 -15.17 3.23
C GLU A 128 -5.05 -15.27 3.23
N PHE A 129 -3.78 -15.59 3.02
CA PHE A 129 -3.20 -15.59 1.69
C PHE A 129 -2.01 -16.53 1.69
N SER A 130 -1.57 -16.90 0.49
CA SER A 130 -0.42 -17.78 0.36
C SER A 130 0.65 -17.16 -0.55
N VAL A 131 1.89 -17.55 -0.25
CA VAL A 131 3.05 -17.02 -0.96
C VAL A 131 3.98 -18.18 -1.31
N TYR A 132 4.68 -18.06 -2.43
CA TYR A 132 5.61 -19.08 -2.93
C TYR A 132 6.90 -18.33 -3.22
N ILE A 133 7.92 -18.58 -2.41
CA ILE A 133 9.21 -17.89 -2.55
C ILE A 133 10.21 -18.78 -3.28
N PRO A 134 10.61 -18.43 -4.51
CA PRO A 134 11.57 -19.28 -5.25
C PRO A 134 12.88 -19.38 -4.51
N SER A 135 13.54 -20.52 -4.66
CA SER A 135 14.89 -20.69 -4.12
C SER A 135 15.91 -19.71 -4.73
N SER A 136 15.56 -19.09 -5.86
CA SER A 136 16.43 -18.12 -6.52
CA SER A 136 16.48 -18.15 -6.47
C SER A 136 16.35 -16.73 -5.91
N LEU A 137 15.36 -16.48 -5.05
CA LEU A 137 15.24 -15.12 -4.51
C LEU A 137 16.50 -14.78 -3.70
N ASP A 138 17.10 -13.64 -4.00
CA ASP A 138 18.31 -13.13 -3.32
CA ASP A 138 18.31 -13.28 -3.29
C ASP A 138 18.04 -12.90 -1.84
N SER A 139 18.89 -13.38 -0.95
CA SER A 139 18.63 -13.21 0.48
C SER A 139 18.76 -11.77 0.94
N ASN A 140 19.32 -10.90 0.11
CA ASN A 140 19.40 -9.49 0.48
C ASN A 140 18.32 -8.62 -0.14
N VAL A 141 17.24 -9.22 -0.65
CA VAL A 141 16.14 -8.40 -1.14
C VAL A 141 15.58 -7.54 -0.04
N SER A 142 15.00 -6.42 -0.45
CA SER A 142 14.32 -5.50 0.44
CA SER A 142 14.30 -5.50 0.45
C SER A 142 12.92 -5.25 -0.13
N THR A 143 11.96 -6.04 0.29
CA THR A 143 10.65 -6.01 -0.35
C THR A 143 9.54 -6.37 0.64
N ILE A 144 8.40 -5.71 0.49
CA ILE A 144 7.17 -6.03 1.23
C ILE A 144 6.27 -6.82 0.30
N PHE A 145 5.80 -7.99 0.73
CA PHE A 145 4.95 -8.81 -0.10
C PHE A 145 3.49 -8.82 0.27
N ALA A 146 3.16 -8.36 1.47
CA ALA A 146 1.74 -8.16 1.86
C ALA A 146 1.69 -7.00 2.81
N GLN A 147 0.73 -6.10 2.62
CA GLN A 147 0.63 -4.98 3.52
C GLN A 147 -0.79 -4.50 3.61
N TRP A 148 -1.09 -3.94 4.78
CA TRP A 148 -2.40 -3.38 5.05
C TRP A 148 -2.17 -1.90 5.28
N HIS A 149 -2.84 -1.08 4.47
N HIS A 149 -2.96 -1.10 4.55
CA HIS A 149 -2.69 0.36 4.58
CA HIS A 149 -2.72 0.33 4.39
C HIS A 149 -3.93 1.02 5.12
C HIS A 149 -3.94 1.15 4.88
N GLY A 150 -3.72 2.20 5.69
CA GLY A 150 -4.81 3.11 6.00
C GLY A 150 -5.30 3.84 4.76
N MET A 151 -6.38 4.57 4.98
CA MET A 151 -7.09 5.29 3.92
C MET A 151 -7.38 6.72 4.35
N PRO A 152 -6.33 7.50 4.62
CA PRO A 152 -6.61 8.89 5.02
C PRO A 152 -7.33 9.67 3.94
N ASP A 153 -8.11 10.64 4.38
CA ASP A 153 -8.89 11.51 3.49
C ASP A 153 -8.19 12.87 3.54
N ARG A 154 -7.64 13.32 2.43
CA ARG A 154 -6.84 14.52 2.45
C ARG A 154 -7.63 15.82 2.59
N THR A 155 -8.95 15.73 2.70
CA THR A 155 -9.72 16.92 3.10
C THR A 155 -9.54 17.25 4.59
N LEU A 156 -8.88 16.39 5.36
CA LEU A 156 -8.42 16.80 6.69
C LEU A 156 -7.13 17.54 6.50
N VAL A 157 -7.13 18.82 6.87
CA VAL A 157 -6.01 19.69 6.54
C VAL A 157 -5.53 20.45 7.76
N GLN A 158 -4.37 21.07 7.60
CA GLN A 158 -3.94 22.10 8.53
C GLN A 158 -3.87 23.39 7.75
N THR A 159 -4.53 24.43 8.28
CA THR A 159 -4.48 25.75 7.66
C THR A 159 -3.13 26.41 7.90
N PRO A 160 -2.79 27.44 7.12
CA PRO A 160 -1.52 28.13 7.35
C PRO A 160 -1.35 28.66 8.77
N GLN A 161 -2.46 28.97 9.43
CA GLN A 161 -2.44 29.51 10.81
C GLN A 161 -2.40 28.38 11.85
N GLY A 162 -2.41 27.14 11.39
CA GLY A 162 -2.15 26.01 12.27
C GLY A 162 -3.41 25.29 12.73
N GLU A 163 -4.57 25.67 12.23
CA GLU A 163 -5.79 24.96 12.63
C GLU A 163 -5.97 23.66 11.86
N VAL A 164 -6.20 22.57 12.57
CA VAL A 164 -6.53 21.31 11.91
C VAL A 164 -8.03 21.27 11.76
N LYS A 165 -8.49 21.12 10.52
CA LYS A 165 -9.93 21.12 10.28
C LYS A 165 -10.28 20.26 9.08
N LYS A 166 -11.54 19.84 9.03
CA LYS A 166 -12.02 19.06 7.91
C LYS A 166 -12.68 19.99 6.90
N LEU A 167 -12.10 20.11 5.72
CA LEU A 167 -12.74 20.85 4.64
C LEU A 167 -13.85 20.01 4.04
N THR A 168 -14.91 20.67 3.59
CA THR A 168 -15.88 19.97 2.77
C THR A 168 -15.23 19.66 1.45
N VAL A 169 -15.79 18.71 0.71
CA VAL A 169 -15.24 18.41 -0.59
C VAL A 169 -15.25 19.65 -1.48
N ASP A 170 -16.32 20.43 -1.42
CA ASP A 170 -16.38 21.64 -2.25
C ASP A 170 -15.30 22.65 -1.87
N GLU A 171 -15.04 22.81 -0.57
CA GLU A 171 -13.95 23.68 -0.14
C GLU A 171 -12.61 23.17 -0.62
N PHE A 172 -12.39 21.85 -0.58
CA PHE A 172 -11.13 21.32 -1.05
C PHE A 172 -10.96 21.51 -2.56
N VAL A 173 -12.04 21.31 -3.31
CA VAL A 173 -11.98 21.51 -4.75
C VAL A 173 -11.58 22.96 -5.05
N GLU A 174 -12.11 23.93 -4.30
CA GLU A 174 -11.71 25.32 -4.50
C GLU A 174 -10.25 25.56 -4.12
N LEU A 175 -9.79 24.93 -3.05
CA LEU A 175 -8.38 25.07 -2.65
C LEU A 175 -7.44 24.53 -3.72
N GLU A 176 -7.83 23.43 -4.37
CA GLU A 176 -6.99 22.80 -5.41
C GLU A 176 -6.84 23.67 -6.67
N LYS A 177 -7.78 24.59 -6.87
CA LYS A 177 -7.65 25.54 -7.97
C LYS A 177 -6.52 26.54 -7.73
N THR A 178 -6.12 26.75 -6.47
CA THR A 178 -5.11 27.76 -6.17
C THR A 178 -3.83 27.17 -5.60
N THR A 179 -3.84 25.89 -5.28
CA THR A 179 -2.77 25.25 -4.55
C THR A 179 -2.28 24.04 -5.32
N PHE A 180 -0.96 23.93 -5.43
CA PHE A 180 -0.29 22.80 -6.03
C PHE A 180 0.24 21.95 -4.90
N PHE A 181 -0.20 20.71 -4.80
CA PHE A 181 0.24 19.86 -3.70
C PHE A 181 1.44 19.02 -4.10
N LYS A 182 2.50 19.08 -3.30
CA LYS A 182 3.61 18.14 -3.47
C LYS A 182 3.50 17.19 -2.28
N LYS A 183 2.97 15.99 -2.54
CA LYS A 183 2.62 15.08 -1.46
C LYS A 183 1.62 15.75 -0.54
N ASN A 184 2.00 15.98 0.70
CA ASN A 184 1.10 16.53 1.70
C ASN A 184 1.23 18.06 1.85
N VAL A 185 2.16 18.66 1.10
CA VAL A 185 2.49 20.07 1.31
C VAL A 185 1.89 20.95 0.21
N GLY A 186 1.12 21.95 0.61
CA GLY A 186 0.59 22.92 -0.34
C GLY A 186 1.62 23.96 -0.78
N HIS A 187 1.57 24.30 -2.07
CA HIS A 187 2.42 25.31 -2.67
C HIS A 187 1.54 26.25 -3.48
N GLU A 188 1.97 27.50 -3.64
CA GLU A 188 1.28 28.35 -4.61
C GLU A 188 1.28 27.65 -5.97
N LYS A 189 0.12 27.66 -6.63
CA LYS A 189 -0.03 27.02 -7.93
C LYS A 189 0.30 28.06 -8.98
N VAL A 190 1.37 27.82 -9.74
CA VAL A 190 1.75 28.81 -10.74
CA VAL A 190 1.83 28.80 -10.73
C VAL A 190 1.72 28.24 -12.15
N ALA A 191 1.09 28.99 -13.02
CA ALA A 191 0.97 28.60 -14.42
C ALA A 191 2.35 28.67 -15.09
N ARG A 192 2.75 27.59 -15.73
CA ARG A 192 3.95 27.66 -16.57
C ARG A 192 3.60 28.54 -17.76
N LEU A 193 4.57 29.32 -18.23
CA LEU A 193 4.31 30.28 -19.28
C LEU A 193 5.26 30.02 -20.45
N ASP A 194 4.78 30.22 -21.66
CA ASP A 194 5.60 30.03 -22.84
C ASP A 194 6.38 31.30 -23.15
N LYS A 195 7.19 31.27 -24.21
CA LYS A 195 8.04 32.43 -24.50
C LYS A 195 7.23 33.69 -24.87
N GLN A 196 5.97 33.52 -25.31
CA GLN A 196 5.13 34.69 -25.62
C GLN A 196 4.38 35.19 -24.40
N GLY A 197 4.57 34.52 -23.27
CA GLY A 197 3.97 34.95 -22.00
C GLY A 197 2.62 34.31 -21.73
N ASN A 198 2.22 33.38 -22.58
CA ASN A 198 0.92 32.70 -22.43
C ASN A 198 1.04 31.41 -21.65
N PRO A 199 -0.02 31.04 -20.93
CA PRO A 199 -0.01 29.76 -20.21
C PRO A 199 0.36 28.57 -21.10
N VAL A 200 1.29 27.74 -20.63
CA VAL A 200 1.68 26.53 -21.31
C VAL A 200 0.55 25.52 -21.22
N LYS A 201 0.34 24.81 -22.32
CA LYS A 201 -0.59 23.69 -22.34
C LYS A 201 0.17 22.50 -22.89
N ASP A 202 -0.17 21.31 -22.42
CA ASP A 202 0.47 20.14 -22.97
C ASP A 202 -0.07 19.88 -24.39
N LYS A 203 0.37 18.79 -25.01
CA LYS A 203 0.04 18.53 -26.40
C LYS A 203 -1.47 18.39 -26.61
N ASN A 204 -2.20 18.20 -25.53
CA ASN A 204 -3.65 18.01 -25.64
C ASN A 204 -4.47 19.22 -25.19
N GLY A 205 -3.79 20.31 -24.86
CA GLY A 205 -4.48 21.52 -24.46
C GLY A 205 -4.77 21.63 -22.97
N LYS A 206 -4.24 20.71 -22.17
CA LYS A 206 -4.39 20.82 -20.72
C LYS A 206 -3.39 21.81 -20.12
N PRO A 207 -3.90 22.79 -19.36
CA PRO A 207 -3.01 23.76 -18.71
C PRO A 207 -1.95 23.08 -17.83
N VAL A 208 -0.72 23.58 -17.90
CA VAL A 208 0.38 23.02 -17.14
C VAL A 208 0.78 24.01 -16.03
N TYR A 209 1.00 23.47 -14.83
CA TYR A 209 1.37 24.27 -13.65
C TYR A 209 2.61 23.72 -12.99
N LYS A 210 3.18 24.51 -12.09
CA LYS A 210 4.26 24.06 -11.26
C LYS A 210 4.08 24.62 -9.86
N ALA A 211 4.85 24.09 -8.93
CA ALA A 211 4.78 24.53 -7.55
C ALA A 211 5.57 25.80 -7.36
N GLY A 212 4.95 26.80 -6.76
CA GLY A 212 5.68 27.98 -6.26
C GLY A 212 6.13 27.71 -4.84
N LYS A 213 6.15 28.74 -4.01
CA LYS A 213 6.62 28.56 -2.65
C LYS A 213 5.53 27.91 -1.81
N PRO A 214 5.93 27.24 -0.73
CA PRO A 214 4.97 26.65 0.19
C PRO A 214 3.97 27.71 0.65
N ASN A 215 2.71 27.34 0.75
CA ASN A 215 1.67 28.32 1.08
C ASN A 215 1.04 28.09 2.45
N GLY A 216 1.60 27.14 3.21
CA GLY A 216 1.15 26.92 4.58
C GLY A 216 0.11 25.83 4.81
N TRP A 217 -0.55 25.39 3.74
CA TRP A 217 -1.54 24.31 3.85
C TRP A 217 -0.83 22.95 3.91
N LEU A 218 -1.38 22.08 4.75
CA LEU A 218 -0.97 20.67 4.77
C LEU A 218 -2.20 19.82 4.63
N VAL A 219 -2.08 18.68 3.98
CA VAL A 219 -3.22 17.77 3.82
C VAL A 219 -2.84 16.38 4.32
N GLU A 220 -3.81 15.59 4.78
CA GLU A 220 -3.44 14.27 5.29
C GLU A 220 -3.30 13.28 4.15
N GLN A 221 -2.06 12.99 3.78
CA GLN A 221 -1.72 12.15 2.64
C GLN A 221 -0.62 11.18 3.06
N GLY A 222 -0.67 9.96 2.54
CA GLY A 222 0.45 9.03 2.72
C GLY A 222 0.51 8.40 4.10
N GLY A 223 1.69 7.93 4.48
CA GLY A 223 1.85 7.25 5.77
C GLY A 223 2.32 5.81 5.65
N TYR A 224 2.95 5.31 6.69
CA TYR A 224 3.40 3.93 6.73
C TYR A 224 2.20 2.97 6.79
N PRO A 225 2.36 1.76 6.27
CA PRO A 225 1.29 0.78 6.44
C PRO A 225 1.20 0.30 7.89
N PRO A 226 0.00 0.20 8.45
CA PRO A 226 -0.10 -0.37 9.77
C PRO A 226 0.39 -1.80 9.90
N LEU A 227 0.38 -2.59 8.82
CA LEU A 227 0.95 -3.94 8.92
C LEU A 227 1.66 -4.29 7.62
N ALA A 228 2.84 -4.89 7.72
CA ALA A 228 3.60 -5.28 6.52
C ALA A 228 4.34 -6.59 6.80
N PHE A 229 4.34 -7.45 5.81
CA PHE A 229 5.15 -8.69 5.81
C PHE A 229 6.22 -8.50 4.74
N GLY A 230 7.48 -8.75 5.07
CA GLY A 230 8.53 -8.47 4.08
C GLY A 230 9.83 -9.15 4.39
N PHE A 231 10.82 -8.85 3.55
CA PHE A 231 12.19 -9.29 3.75
C PHE A 231 13.08 -8.06 3.76
N SER A 232 14.06 -8.04 4.65
CA SER A 232 15.05 -6.97 4.71
C SER A 232 16.27 -7.50 5.45
N GLY A 233 17.47 -7.19 4.95
CA GLY A 233 18.68 -7.52 5.68
C GLY A 233 18.83 -8.98 6.04
N GLY A 234 18.31 -9.88 5.21
CA GLY A 234 18.48 -11.31 5.44
C GLY A 234 17.46 -11.86 6.42
N LEU A 235 16.41 -11.08 6.69
CA LEU A 235 15.33 -11.54 7.58
C LEU A 235 13.96 -11.43 6.93
N PHE A 236 13.13 -12.44 7.18
CA PHE A 236 11.69 -12.27 7.03
C PHE A 236 11.22 -11.53 8.28
N TYR A 237 10.33 -10.57 8.12
CA TYR A 237 9.80 -9.86 9.30
C TYR A 237 8.34 -9.49 9.12
N ILE A 238 7.68 -9.27 10.25
CA ILE A 238 6.31 -8.71 10.29
C ILE A 238 6.38 -7.48 11.14
N LYS A 239 5.91 -6.33 10.61
CA LYS A 239 6.02 -5.04 11.27
C LYS A 239 4.65 -4.40 11.38
N ALA A 240 4.31 -3.95 12.60
CA ALA A 240 3.06 -3.26 12.87
C ALA A 240 3.36 -1.81 13.25
N ASN A 241 2.61 -0.89 12.65
CA ASN A 241 2.77 0.54 12.91
CA ASN A 241 2.77 0.53 12.94
C ASN A 241 1.47 1.13 13.47
N SER A 242 1.61 2.14 14.33
CA SER A 242 0.50 2.87 14.92
C SER A 242 0.78 4.36 14.86
N ASP A 243 -0.27 5.15 14.64
CA ASP A 243 -0.16 6.60 14.67
C ASP A 243 -1.41 7.14 15.32
N ARG A 244 -1.27 7.71 16.51
CA ARG A 244 -2.45 8.20 17.24
C ARG A 244 -2.73 9.68 16.99
N LYS A 245 -1.85 10.38 16.28
N LYS A 245 -1.84 10.36 16.28
CA LYS A 245 -2.08 11.80 16.03
CA LYS A 245 -2.07 11.77 15.97
C LYS A 245 -3.21 11.98 15.03
C LYS A 245 -3.32 11.87 15.10
N TRP A 246 -4.12 12.92 15.29
CA TRP A 246 -5.30 13.09 14.44
C TRP A 246 -4.90 13.46 13.01
N LEU A 247 -4.08 14.50 12.85
CA LEU A 247 -3.44 14.76 11.56
C LEU A 247 -2.00 14.25 11.64
N THR A 248 -1.70 13.22 10.86
CA THR A 248 -0.37 12.62 10.91
C THR A 248 0.70 13.65 10.62
N ASP A 249 1.78 13.60 11.39
CA ASP A 249 2.96 14.43 11.15
C ASP A 249 3.94 13.65 10.28
N LYS A 250 4.08 14.05 9.03
CA LYS A 250 4.90 13.28 8.10
C LYS A 250 6.42 13.36 8.39
N ASP A 251 6.82 14.38 9.13
CA ASP A 251 8.22 14.50 9.54
C ASP A 251 8.61 13.54 10.66
N ASP A 252 7.64 12.83 11.23
CA ASP A 252 7.92 11.85 12.28
C ASP A 252 8.06 10.47 11.63
N ARG A 253 9.28 10.10 11.28
CA ARG A 253 9.54 8.89 10.51
C ARG A 253 9.86 7.71 11.44
N CYS A 254 8.90 7.40 12.31
CA CYS A 254 9.03 6.30 13.25
C CYS A 254 8.77 4.99 12.52
N ASN A 255 9.87 4.32 12.19
N ASN A 255 9.83 4.32 12.08
CA ASN A 255 9.83 3.15 11.34
CA ASN A 255 9.66 3.06 11.34
C ASN A 255 10.92 2.23 11.89
C ASN A 255 10.84 2.13 11.64
N ALA A 256 10.53 1.06 12.37
CA ALA A 256 11.54 0.17 12.94
C ALA A 256 12.30 -0.53 11.84
N ASN A 257 13.60 -0.66 12.01
CA ASN A 257 14.44 -1.43 11.11
C ASN A 257 14.58 -2.83 11.69
N PRO A 258 14.20 -3.88 10.94
CA PRO A 258 14.24 -5.18 11.60
C PRO A 258 15.64 -5.64 11.99
N GLY A 259 16.67 -5.09 11.36
CA GLY A 259 18.04 -5.46 11.72
C GLY A 259 18.52 -4.78 12.99
N LYS A 260 17.82 -3.73 13.43
CA LYS A 260 18.26 -2.94 14.57
CA LYS A 260 18.26 -2.94 14.57
C LYS A 260 17.29 -2.99 15.74
N THR A 261 16.04 -3.34 15.48
CA THR A 261 15.02 -3.30 16.50
C THR A 261 14.71 -4.68 17.02
N PRO A 262 14.82 -4.88 18.35
CA PRO A 262 14.50 -6.21 18.86
C PRO A 262 13.03 -6.57 18.68
N VAL A 263 12.74 -7.85 18.57
CA VAL A 263 11.37 -8.32 18.43
CA VAL A 263 11.35 -8.31 18.44
C VAL A 263 10.49 -7.91 19.62
N MET A 264 9.31 -7.39 19.32
CA MET A 264 8.30 -6.99 20.28
C MET A 264 8.73 -5.92 21.28
N LYS A 265 9.75 -5.15 20.91
CA LYS A 265 10.14 -3.95 21.65
C LYS A 265 9.87 -2.75 20.75
N PRO A 266 8.75 -2.06 20.98
CA PRO A 266 8.36 -1.01 20.03
C PRO A 266 9.33 0.16 19.97
N LEU A 267 9.56 0.68 18.77
CA LEU A 267 10.18 1.97 18.61
C LEU A 267 9.03 2.98 18.70
N THR A 268 9.14 3.97 19.58
CA THR A 268 8.04 4.94 19.75
C THR A 268 8.49 6.39 19.62
N SER A 269 7.59 7.24 19.14
CA SER A 269 7.79 8.67 19.21
C SER A 269 6.73 9.21 20.14
N GLU A 270 6.41 10.49 20.03
CA GLU A 270 5.36 11.04 20.85
C GLU A 270 3.98 10.49 20.44
N TYR A 271 3.82 10.18 19.14
CA TYR A 271 2.52 9.75 18.59
C TYR A 271 2.52 8.42 17.87
N LYS A 272 3.69 7.94 17.47
CA LYS A 272 3.78 6.77 16.61
C LYS A 272 4.46 5.64 17.36
N ALA A 273 4.18 4.42 16.90
CA ALA A 273 4.90 3.23 17.33
C ALA A 273 5.15 2.36 16.12
N SER A 274 6.28 1.66 16.14
CA SER A 274 6.61 0.70 15.09
C SER A 274 7.21 -0.52 15.78
N THR A 275 6.58 -1.67 15.58
CA THR A 275 6.95 -2.87 16.33
C THR A 275 7.24 -4.01 15.36
N ILE A 276 8.38 -4.68 15.55
CA ILE A 276 8.65 -5.89 14.78
C ILE A 276 8.04 -7.03 15.57
N ALA A 277 6.99 -7.64 15.06
CA ALA A 277 6.26 -8.68 15.81
C ALA A 277 6.91 -10.05 15.66
N TYR A 278 7.70 -10.24 14.60
CA TYR A 278 8.28 -11.54 14.28
C TYR A 278 9.46 -11.36 13.32
N LYS A 279 10.48 -12.17 13.50
CA LYS A 279 11.64 -12.25 12.59
C LYS A 279 11.99 -13.70 12.35
N LEU A 280 12.44 -14.00 11.15
CA LEU A 280 12.97 -15.34 10.84
C LEU A 280 14.13 -15.19 9.86
N PRO A 281 15.30 -15.79 10.15
CA PRO A 281 16.40 -15.72 9.19
C PRO A 281 15.98 -16.24 7.81
N PHE A 282 16.47 -15.58 6.76
CA PHE A 282 16.01 -15.86 5.39
C PHE A 282 16.15 -17.34 5.02
N ALA A 283 17.25 -17.96 5.42
CA ALA A 283 17.47 -19.35 5.04
C ALA A 283 16.48 -20.31 5.67
N ASP A 284 15.82 -19.89 6.74
CA ASP A 284 14.86 -20.71 7.47
CA ASP A 284 14.83 -20.74 7.41
C ASP A 284 13.42 -20.54 6.91
N PHE A 285 13.23 -19.58 6.01
CA PHE A 285 11.94 -19.37 5.35
C PHE A 285 11.83 -20.42 4.24
N PRO A 286 10.79 -21.28 4.27
CA PRO A 286 10.76 -22.37 3.28
C PRO A 286 10.70 -21.86 1.85
N LYS A 287 11.41 -22.53 0.94
CA LYS A 287 11.49 -22.14 -0.48
C LYS A 287 10.79 -23.14 -1.39
N ASP A 288 10.37 -22.65 -2.55
CA ASP A 288 9.81 -23.51 -3.61
C ASP A 288 8.62 -24.31 -3.09
N CYS A 289 7.80 -23.69 -2.23
CA CYS A 289 6.58 -24.30 -1.78
C CYS A 289 5.60 -23.22 -1.35
N TRP A 290 4.32 -23.58 -1.29
CA TRP A 290 3.30 -22.61 -0.88
C TRP A 290 3.18 -22.51 0.63
N ILE A 291 3.24 -21.29 1.14
CA ILE A 291 3.10 -21.01 2.54
C ILE A 291 1.83 -20.22 2.70
N THR A 292 0.97 -20.66 3.60
CA THR A 292 -0.29 -19.95 3.86
C THR A 292 -0.22 -19.20 5.17
N PHE A 293 -0.49 -17.91 5.14
CA PHE A 293 -0.54 -17.12 6.34
C PHE A 293 -1.98 -16.86 6.71
N ARG A 294 -2.28 -17.05 8.00
CA ARG A 294 -3.62 -16.72 8.54
C ARG A 294 -3.40 -15.62 9.56
N VAL A 295 -4.06 -14.48 9.34
CA VAL A 295 -3.80 -13.31 10.13
C VAL A 295 -5.11 -12.81 10.75
N HIS A 296 -5.08 -12.62 12.05
CA HIS A 296 -6.21 -11.95 12.70
C HIS A 296 -5.75 -10.60 13.20
N ILE A 297 -6.52 -9.55 12.87
CA ILE A 297 -6.20 -8.23 13.36
C ILE A 297 -7.38 -7.63 14.12
N ASP A 298 -7.15 -7.21 15.36
CA ASP A 298 -8.07 -6.30 16.03
C ASP A 298 -7.41 -4.94 15.95
N TRP A 299 -7.99 -4.03 15.18
CA TRP A 299 -7.34 -2.75 14.96
C TRP A 299 -7.41 -1.90 16.23
N THR A 300 -6.34 -1.18 16.53
CA THR A 300 -6.38 -0.25 17.65
C THR A 300 -7.52 0.74 17.51
N VAL A 301 -8.17 1.10 18.61
CA VAL A 301 -9.23 2.09 18.58
C VAL A 301 -8.66 3.39 19.10
N TYR A 302 -8.76 4.46 18.31
CA TYR A 302 -8.19 5.75 18.67
C TYR A 302 -9.33 6.70 19.00
N GLY A 303 -9.00 7.76 19.74
CA GLY A 303 -10.01 8.72 20.15
C GLY A 303 -10.22 9.91 19.24
N LYS A 304 -9.95 9.74 17.95
CA LYS A 304 -10.15 10.83 16.98
C LYS A 304 -9.44 12.10 17.42
N GLU A 305 -10.15 13.22 17.48
CA GLU A 305 -9.47 14.47 17.83
C GLU A 305 -8.82 14.46 19.22
N ALA A 306 -9.27 13.55 20.08
CA ALA A 306 -8.69 13.42 21.42
C ALA A 306 -7.31 12.77 21.40
N GLU A 307 -7.01 12.06 20.32
CA GLU A 307 -5.69 11.42 20.13
C GLU A 307 -5.33 10.39 21.18
N THR A 308 -6.34 9.83 21.82
CA THR A 308 -6.14 8.82 22.82
C THR A 308 -6.11 7.44 22.21
N ILE A 309 -5.53 6.49 22.95
CA ILE A 309 -5.71 5.08 22.68
C ILE A 309 -6.90 4.59 23.50
N VAL A 310 -8.00 4.32 22.83
CA VAL A 310 -9.22 3.90 23.50
C VAL A 310 -9.15 2.42 23.83
N LYS A 311 -8.60 1.63 22.91
CA LYS A 311 -8.44 0.19 23.11
C LYS A 311 -7.21 -0.24 22.32
N PRO A 312 -6.33 -1.04 22.92
CA PRO A 312 -5.19 -1.51 22.15
C PRO A 312 -5.66 -2.47 21.07
N GLY A 313 -4.81 -2.70 20.09
CA GLY A 313 -5.10 -3.70 19.09
C GLY A 313 -4.53 -5.05 19.45
N MET A 314 -4.65 -5.99 18.54
CA MET A 314 -4.14 -7.35 18.73
CA MET A 314 -4.07 -7.31 18.74
C MET A 314 -3.79 -7.92 17.37
N LEU A 315 -2.68 -8.65 17.31
CA LEU A 315 -2.27 -9.31 16.09
C LEU A 315 -2.02 -10.79 16.36
N ASP A 316 -2.57 -11.65 15.53
CA ASP A 316 -2.30 -13.09 15.60
C ASP A 316 -1.94 -13.60 14.22
N VAL A 317 -0.87 -14.39 14.10
CA VAL A 317 -0.43 -14.91 12.80
C VAL A 317 -0.02 -16.37 12.92
N ARG A 318 -0.55 -17.17 12.00
CA ARG A 318 -0.09 -18.54 11.82
C ARG A 318 0.49 -18.70 10.44
N MET A 319 1.49 -19.57 10.36
CA MET A 319 2.21 -19.84 9.14
C MET A 319 2.17 -21.34 8.88
N ASP A 320 1.50 -21.74 7.80
CA ASP A 320 1.29 -23.16 7.51
CA ASP A 320 1.28 -23.16 7.50
C ASP A 320 1.96 -23.56 6.20
N TYR A 321 2.58 -24.74 6.19
CA TYR A 321 3.22 -25.22 5.00
C TYR A 321 3.54 -26.70 5.16
N GLN A 322 3.95 -27.33 4.07
CA GLN A 322 4.21 -28.77 4.10
C GLN A 322 5.57 -29.04 4.69
N GLU A 323 5.61 -29.92 5.68
CA GLU A 323 6.86 -30.28 6.33
C GLU A 323 6.99 -31.79 6.50
N GLY A 325 5.72 -33.22 3.51
CA GLY A 325 5.15 -34.46 4.05
C GLY A 325 3.79 -34.25 4.69
N LYS A 326 3.76 -33.46 5.76
CA LYS A 326 2.53 -33.20 6.50
C LYS A 326 2.34 -31.70 6.75
N LYS A 327 1.09 -31.24 6.76
CA LYS A 327 0.83 -29.84 7.05
C LYS A 327 1.17 -29.51 8.51
N VAL A 328 2.00 -28.49 8.69
CA VAL A 328 2.31 -28.00 10.01
C VAL A 328 1.83 -26.56 10.09
N SER A 329 1.49 -26.09 11.28
CA SER A 329 1.07 -24.72 11.50
C SER A 329 1.91 -24.10 12.60
N LYS A 330 2.76 -23.13 12.24
CA LYS A 330 3.60 -22.44 13.20
C LYS A 330 2.89 -21.16 13.68
N HIS A 331 2.76 -21.02 14.99
CA HIS A 331 2.07 -19.88 15.60
C HIS A 331 3.09 -18.76 15.80
N ILE A 332 3.39 -18.04 14.72
CA ILE A 332 4.54 -17.13 14.75
C ILE A 332 4.28 -15.82 15.47
N VAL A 333 3.02 -15.37 15.49
CA VAL A 333 2.65 -14.25 16.37
C VAL A 333 1.46 -14.68 17.17
N ASP A 334 1.67 -14.84 18.48
CA ASP A 334 0.66 -15.44 19.35
C ASP A 334 -0.18 -14.40 20.09
N ASN A 335 -1.28 -13.97 19.47
CA ASN A 335 -2.25 -13.12 20.12
C ASN A 335 -1.60 -11.97 20.88
N GLU A 336 -0.78 -11.20 20.16
CA GLU A 336 0.01 -10.14 20.80
C GLU A 336 -0.77 -8.83 20.87
N LYS A 337 -0.98 -8.31 22.08
CA LYS A 337 -1.45 -6.96 22.27
C LYS A 337 -0.43 -6.03 21.62
N ILE A 338 -0.90 -5.08 20.80
CA ILE A 338 0.02 -4.30 19.99
C ILE A 338 -0.71 -3.07 19.52
N LEU A 339 0.05 -2.00 19.30
CA LEU A 339 -0.53 -0.80 18.68
C LEU A 339 -0.45 -0.99 17.18
N ILE A 340 -1.59 -0.89 16.51
CA ILE A 340 -1.65 -1.19 15.09
C ILE A 340 -2.81 -0.44 14.47
N GLY A 341 -2.49 0.48 13.57
CA GLY A 341 -3.52 1.28 12.92
C GLY A 341 -3.13 2.71 12.74
N ARG A 342 -4.13 3.53 12.42
CA ARG A 342 -3.96 4.97 12.21
C ARG A 342 -5.19 5.68 12.72
N ASN A 343 -4.99 6.82 13.36
CA ASN A 343 -6.12 7.61 13.84
C ASN A 343 -6.73 8.43 12.71
N ASP A 344 -7.58 7.77 11.92
CA ASP A 344 -8.31 8.38 10.78
C ASP A 344 -9.80 8.09 10.95
N GLU A 345 -10.61 8.79 10.19
CA GLU A 345 -12.02 8.44 10.13
C GLU A 345 -12.23 7.11 9.39
N ASP A 346 -11.46 6.89 8.32
CA ASP A 346 -11.62 5.74 7.45
C ASP A 346 -10.69 4.61 7.85
N GLY A 347 -10.89 3.47 7.21
CA GLY A 347 -10.27 2.23 7.64
C GLY A 347 -9.10 1.75 6.79
N TYR A 348 -9.03 0.43 6.62
CA TYR A 348 -7.81 -0.24 6.15
C TYR A 348 -8.06 -1.22 5.03
N TYR A 349 -7.09 -1.37 4.13
CA TYR A 349 -7.24 -2.28 3.00
C TYR A 349 -5.96 -3.08 2.73
N PHE A 350 -6.13 -4.24 2.10
CA PHE A 350 -5.05 -5.17 1.85
C PHE A 350 -4.50 -5.05 0.42
N LYS A 351 -3.17 -5.16 0.30
CA LYS A 351 -2.48 -5.36 -0.97
C LYS A 351 -1.46 -6.47 -0.83
N PHE A 352 -1.22 -7.19 -1.92
CA PHE A 352 -0.04 -8.05 -1.94
C PHE A 352 0.70 -7.88 -3.27
N GLY A 353 1.95 -8.31 -3.32
CA GLY A 353 2.75 -8.12 -4.54
C GLY A 353 4.16 -7.77 -4.15
N ILE A 354 4.73 -6.80 -4.85
CA ILE A 354 6.08 -6.35 -4.56
C ILE A 354 6.07 -4.85 -4.31
N TYR A 355 6.57 -4.46 -3.16
CA TYR A 355 6.86 -3.07 -2.88
CA TYR A 355 6.85 -3.06 -2.86
C TYR A 355 8.31 -3.05 -2.43
N ARG A 356 9.18 -2.60 -3.33
CA ARG A 356 10.61 -2.71 -3.11
C ARG A 356 11.11 -1.43 -2.47
N VAL A 357 11.64 -1.54 -1.25
CA VAL A 357 11.92 -0.39 -0.40
C VAL A 357 13.37 -0.34 0.04
N GLY A 358 13.71 0.68 0.82
CA GLY A 358 15.08 0.79 1.33
C GLY A 358 16.09 1.02 0.23
N ASP A 359 15.68 1.76 -0.79
CA ASP A 359 16.56 2.13 -1.91
C ASP A 359 17.30 0.91 -2.44
N SER A 360 16.54 -0.12 -2.77
CA SER A 360 17.12 -1.36 -3.24
C SER A 360 16.81 -1.57 -4.71
N THR A 361 17.76 -2.11 -5.45
CA THR A 361 17.45 -2.56 -6.80
C THR A 361 17.78 -4.04 -7.01
N VAL A 362 17.86 -4.81 -5.94
CA VAL A 362 18.03 -6.26 -6.06
C VAL A 362 16.74 -6.81 -6.68
N PRO A 363 16.84 -7.65 -7.72
CA PRO A 363 15.66 -8.19 -8.38
C PRO A 363 14.77 -8.93 -7.40
N VAL A 364 13.45 -8.88 -7.63
CA VAL A 364 12.49 -9.61 -6.77
C VAL A 364 11.55 -10.38 -7.67
N CYS A 365 11.28 -11.63 -7.32
CA CYS A 365 10.28 -12.39 -8.04
C CYS A 365 9.73 -13.46 -7.12
N TYR A 366 8.40 -13.54 -6.99
CA TYR A 366 7.76 -14.61 -6.24
C TYR A 366 6.30 -14.68 -6.67
N ASN A 367 5.60 -15.71 -6.17
CA ASN A 367 4.17 -15.87 -6.52
C ASN A 367 3.26 -15.72 -5.30
N LEU A 368 2.03 -15.25 -5.55
CA LEU A 368 1.05 -15.06 -4.50
C LEU A 368 -0.29 -15.62 -5.00
N ALA A 369 -1.14 -16.05 -4.07
CA ALA A 369 -2.43 -16.64 -4.45
C ALA A 369 -3.29 -16.80 -3.21
N GLY A 370 -4.55 -17.19 -3.42
CA GLY A 370 -5.35 -17.74 -2.31
C GLY A 370 -5.83 -16.75 -1.26
N TYR A 371 -6.14 -15.53 -1.67
CA TYR A 371 -6.58 -14.51 -0.73
C TYR A 371 -8.04 -14.66 -0.31
N SER A 372 -8.29 -14.46 0.97
CA SER A 372 -9.67 -14.26 1.43
C SER A 372 -9.66 -13.42 2.70
N GLU A 373 -10.78 -12.76 3.00
CA GLU A 373 -10.91 -11.99 4.22
C GLU A 373 -12.34 -12.11 4.67
N ARG A 374 -12.55 -11.98 5.98
CA ARG A 374 -13.89 -12.02 6.54
C ARG A 374 -13.92 -11.27 7.87
CA CA B . -5.55 10.97 10.71
C1 EDO C . -10.77 -9.92 -17.43
O1 EDO C . -11.47 -10.38 -16.27
C2 EDO C . -10.26 -8.50 -17.20
O2 EDO C . -9.14 -8.51 -16.30
C1 EDO D . 4.40 17.44 8.41
O1 EDO D . 3.23 16.67 8.07
C2 EDO D . 4.89 18.34 7.27
O2 EDO D . 5.21 17.60 6.09
C1 EDO E . 2.24 24.47 7.62
O1 EDO E . 1.02 24.83 8.27
C2 EDO E . 3.29 25.55 7.83
O2 EDO E . 3.04 26.17 9.10
C1 EDO F . 19.58 -17.21 -4.38
O1 EDO F . 19.16 -17.34 -3.01
C2 EDO F . 21.06 -17.54 -4.50
O2 EDO F . 21.83 -16.46 -3.94
C1 EDO G . -12.29 17.96 12.53
O1 EDO G . -11.85 16.61 12.67
C2 EDO G . -11.33 18.84 13.32
O2 EDO G . -10.02 18.29 13.25
C1 EDO H . 2.64 5.38 20.94
O1 EDO H . 1.21 5.56 20.92
C2 EDO H . 3.27 6.75 21.19
O2 EDO H . 2.39 7.52 22.01
#